data_1PZ0
#
_entry.id   1PZ0
#
_cell.length_a   45.525
_cell.length_b   84.262
_cell.length_c   93.953
_cell.angle_alpha   90.00
_cell.angle_beta   90.00
_cell.angle_gamma   90.00
#
_symmetry.space_group_name_H-M   'P 21 21 21'
#
loop_
_entity.id
_entity.type
_entity.pdbx_description
1 polymer 'IolS protein'
2 non-polymer 'SODIUM ION'
3 non-polymer 'NADP NICOTINAMIDE-ADENINE-DINUCLEOTIDE PHOSPHATE'
4 water water
#
_entity_poly.entity_id   1
_entity_poly.type   'polypeptide(L)'
_entity_poly.pdbx_seq_one_letter_code
;(MSE)KKAKLGKSDLQVFPIGLGTNAVGGHNLYPNLNEETGKELVREAIRNGVT(MSE)LDTAYIYGIGRSEELIGEVLR
EFNREDVVIATKAAHRKQGNDFVFDNSPDFLKKSVDESLKRLNTDYIDLFYIHFPDEHTPKDEAVNALNE(MSE)KKAGK
IRSIGVSNFSLEQLKEANKDGLVDVLQGEYNLLNREAEKTFFPYTKEHNISFIPYFPLVSGLLAGKYTEDTTFPEGDLRN
EQEHFKGERFKENIRKVNKLAPIAEKHNVDIPHIVLAWYLARPEIDILIPGAKRADQLIDNIKTADVTLSQEDISFIDKL
FAPG
;
_entity_poly.pdbx_strand_id   A
#
# COMPACT_ATOMS: atom_id res chain seq x y z
N LYS A 2 -6.34 -17.26 2.83
CA LYS A 2 -5.78 -17.60 4.16
C LYS A 2 -4.36 -17.05 4.29
N LYS A 3 -3.45 -17.54 3.44
CA LYS A 3 -2.06 -17.08 3.47
C LYS A 3 -1.44 -17.05 2.08
N ALA A 4 -0.89 -15.91 1.70
CA ALA A 4 -0.26 -15.73 0.39
C ALA A 4 1.24 -15.46 0.55
N LYS A 5 2.05 -16.11 -0.28
CA LYS A 5 3.49 -15.91 -0.23
C LYS A 5 3.79 -14.69 -1.08
N LEU A 6 4.54 -13.74 -0.52
CA LEU A 6 4.89 -12.51 -1.22
C LEU A 6 6.10 -12.67 -2.14
N GLY A 7 5.86 -12.97 -3.41
CA GLY A 7 6.94 -13.13 -4.37
C GLY A 7 8.08 -14.03 -3.95
N LYS A 8 9.31 -13.54 -4.16
CA LYS A 8 10.53 -14.28 -3.84
C LYS A 8 10.84 -14.40 -2.35
N SER A 9 10.13 -13.65 -1.52
CA SER A 9 10.37 -13.69 -0.08
C SER A 9 9.69 -14.88 0.59
N ASP A 10 9.98 -15.06 1.88
CA ASP A 10 9.40 -16.13 2.68
C ASP A 10 8.25 -15.56 3.50
N LEU A 11 7.70 -14.44 3.05
CA LEU A 11 6.62 -13.80 3.79
C LEU A 11 5.26 -14.43 3.44
N GLN A 12 4.58 -14.90 4.47
CA GLN A 12 3.25 -15.51 4.34
C GLN A 12 2.27 -14.53 4.98
N VAL A 13 1.35 -13.99 4.18
CA VAL A 13 0.40 -13.03 4.71
C VAL A 13 -1.05 -13.19 4.30
N PHE A 14 -1.93 -12.76 5.20
CA PHE A 14 -3.35 -12.79 4.94
C PHE A 14 -3.49 -11.78 3.81
N PRO A 15 -4.26 -12.11 2.75
CA PRO A 15 -4.45 -11.21 1.61
C PRO A 15 -4.90 -9.77 1.87
N ILE A 16 -5.25 -9.45 3.11
CA ILE A 16 -5.64 -8.07 3.41
C ILE A 16 -4.73 -7.53 4.50
N GLY A 17 -3.90 -6.56 4.12
CA GLY A 17 -2.99 -5.94 5.07
C GLY A 17 -3.58 -4.63 5.52
N LEU A 18 -2.90 -3.93 6.42
CA LEU A 18 -3.40 -2.65 6.93
C LEU A 18 -2.48 -1.47 6.62
N GLY A 19 -3.08 -0.39 6.11
CA GLY A 19 -2.33 0.83 5.81
C GLY A 19 -2.41 1.64 7.09
N THR A 20 -1.28 2.12 7.58
CA THR A 20 -1.24 2.85 8.85
C THR A 20 -0.94 4.35 8.77
N ASN A 21 -1.23 4.98 7.63
CA ASN A 21 -0.98 6.41 7.49
C ASN A 21 -1.83 7.25 8.45
N ALA A 22 -2.91 6.66 8.96
CA ALA A 22 -3.81 7.36 9.86
C ALA A 22 -3.55 6.97 11.32
N VAL A 23 -2.46 6.25 11.56
CA VAL A 23 -2.09 5.85 12.91
C VAL A 23 -0.91 6.73 13.28
N GLY A 24 -1.20 7.86 13.93
CA GLY A 24 -0.14 8.77 14.32
C GLY A 24 0.44 9.57 13.17
N GLY A 25 -0.25 9.56 12.03
CA GLY A 25 0.20 10.32 10.88
C GLY A 25 -0.32 11.74 10.96
N HIS A 26 0.15 12.47 11.97
CA HIS A 26 -0.27 13.84 12.22
C HIS A 26 0.06 14.85 11.12
N ASN A 27 1.15 14.61 10.40
CA ASN A 27 1.55 15.50 9.31
C ASN A 27 0.62 15.31 8.12
N LEU A 28 -0.14 14.22 8.14
CA LEU A 28 -1.05 13.89 7.05
C LEU A 28 -2.52 14.13 7.38
N TYR A 29 -2.85 14.00 8.65
CA TYR A 29 -4.23 14.17 9.10
C TYR A 29 -4.29 15.02 10.37
N PRO A 30 -5.30 15.89 10.47
CA PRO A 30 -5.46 16.75 11.64
C PRO A 30 -6.43 16.07 12.63
N ASN A 31 -6.18 16.27 13.91
CA ASN A 31 -7.05 15.70 14.95
C ASN A 31 -7.05 14.19 15.01
N LEU A 32 -5.88 13.58 14.85
CA LEU A 32 -5.80 12.13 14.96
C LEU A 32 -5.74 11.82 16.44
N ASN A 33 -6.44 10.77 16.85
CA ASN A 33 -6.41 10.34 18.23
C ASN A 33 -5.48 9.13 18.17
N GLU A 34 -4.35 9.20 18.85
CA GLU A 34 -3.39 8.10 18.80
C GLU A 34 -3.90 6.81 19.41
N GLU A 35 -4.67 6.89 20.50
CA GLU A 35 -5.19 5.68 21.12
C GLU A 35 -6.13 4.97 20.16
N THR A 36 -6.83 5.74 19.34
CA THR A 36 -7.74 5.16 18.36
C THR A 36 -6.86 4.44 17.34
N GLY A 37 -5.76 5.07 16.97
CA GLY A 37 -4.83 4.46 16.03
C GLY A 37 -4.27 3.17 16.58
N LYS A 38 -3.84 3.18 17.83
CA LYS A 38 -3.29 2.00 18.46
C LYS A 38 -4.34 0.90 18.53
N GLU A 39 -5.57 1.28 18.85
CA GLU A 39 -6.68 0.33 18.96
C GLU A 39 -6.99 -0.29 17.61
N LEU A 40 -6.79 0.47 16.53
CA LEU A 40 -7.03 -0.03 15.19
C LEU A 40 -5.97 -1.10 14.86
N VAL A 41 -4.71 -0.79 15.12
CA VAL A 41 -3.61 -1.72 14.86
C VAL A 41 -3.84 -3.01 15.65
N ARG A 42 -4.19 -2.85 16.92
CA ARG A 42 -4.45 -3.93 17.86
C ARG A 42 -5.57 -4.82 17.30
N GLU A 43 -6.66 -4.17 16.91
CA GLU A 43 -7.80 -4.88 16.34
C GLU A 43 -7.35 -5.68 15.12
N ALA A 44 -6.63 -5.04 14.21
CA ALA A 44 -6.13 -5.69 13.00
C ALA A 44 -5.46 -7.02 13.32
N ILE A 45 -4.44 -6.98 14.17
CA ILE A 45 -3.71 -8.19 14.53
C ILE A 45 -4.67 -9.23 15.15
N ARG A 46 -5.60 -8.74 15.96
CA ARG A 46 -6.58 -9.61 16.60
C ARG A 46 -7.43 -10.34 15.58
N ASN A 47 -7.89 -9.59 14.58
CA ASN A 47 -8.74 -10.13 13.53
C ASN A 47 -8.03 -10.89 12.41
N GLY A 48 -6.78 -11.27 12.63
CA GLY A 48 -6.07 -12.03 11.62
C GLY A 48 -5.29 -11.31 10.55
N VAL A 49 -5.14 -9.99 10.66
CA VAL A 49 -4.35 -9.27 9.66
C VAL A 49 -2.88 -9.59 9.97
N THR A 50 -2.12 -9.89 8.94
CA THR A 50 -0.71 -10.25 9.12
C THR A 50 0.23 -9.09 8.92
N LEU A 52 1.34 -5.14 8.52
CA LEU A 52 1.07 -3.75 8.90
C LEU A 52 2.00 -2.93 7.99
N ASP A 53 1.44 -2.06 7.16
CA ASP A 53 2.27 -1.26 6.26
C ASP A 53 2.40 0.19 6.75
N THR A 54 3.63 0.58 7.13
CA THR A 54 3.88 1.92 7.62
C THR A 54 5.04 2.56 6.85
N ALA A 55 5.52 3.70 7.34
CA ALA A 55 6.63 4.42 6.71
C ALA A 55 7.11 5.56 7.60
N TYR A 56 8.33 6.02 7.36
CA TYR A 56 8.88 7.13 8.13
C TYR A 56 8.05 8.40 7.98
N ILE A 57 7.62 8.67 6.75
CA ILE A 57 6.85 9.87 6.49
C ILE A 57 5.56 9.92 7.26
N TYR A 58 5.02 8.75 7.62
CA TYR A 58 3.79 8.67 8.38
C TYR A 58 4.06 9.22 9.78
N GLY A 59 3.79 10.51 9.95
CA GLY A 59 4.01 11.14 11.24
C GLY A 59 5.48 11.30 11.59
N ILE A 60 6.36 11.29 10.59
CA ILE A 60 7.80 11.45 10.83
C ILE A 60 8.30 10.45 11.87
N GLY A 61 7.85 9.19 11.75
CA GLY A 61 8.28 8.18 12.69
C GLY A 61 7.24 7.79 13.72
N ARG A 62 6.30 8.69 14.00
CA ARG A 62 5.27 8.43 15.01
C ARG A 62 4.43 7.20 14.69
N SER A 63 4.18 6.95 13.41
CA SER A 63 3.39 5.79 13.01
C SER A 63 4.13 4.53 13.45
N GLU A 64 5.44 4.48 13.20
CA GLU A 64 6.23 3.34 13.59
C GLU A 64 6.29 3.23 15.11
N GLU A 65 6.31 4.36 15.79
CA GLU A 65 6.35 4.34 17.25
C GLU A 65 5.10 3.73 17.86
N LEU A 66 3.93 4.21 17.45
CA LEU A 66 2.67 3.68 17.97
C LEU A 66 2.54 2.19 17.66
N ILE A 67 2.89 1.80 16.43
CA ILE A 67 2.84 0.39 16.03
C ILE A 67 3.79 -0.40 16.91
N GLY A 68 4.94 0.20 17.22
CA GLY A 68 5.92 -0.46 18.07
C GLY A 68 5.39 -0.70 19.47
N GLU A 69 4.59 0.22 20.00
CA GLU A 69 4.04 0.04 21.34
C GLU A 69 3.03 -1.10 21.34
N VAL A 70 2.12 -1.09 20.36
CA VAL A 70 1.11 -2.14 20.27
C VAL A 70 1.75 -3.52 20.05
N LEU A 71 2.90 -3.53 19.38
CA LEU A 71 3.60 -4.77 19.08
C LEU A 71 4.03 -5.54 20.33
N ARG A 72 4.35 -4.82 21.40
CA ARG A 72 4.74 -5.44 22.67
C ARG A 72 3.64 -6.36 23.21
N GLU A 73 2.40 -6.09 22.81
CA GLU A 73 1.24 -6.85 23.25
C GLU A 73 1.10 -8.23 22.61
N PHE A 74 1.72 -8.42 21.45
CA PHE A 74 1.63 -9.69 20.73
C PHE A 74 2.99 -10.34 20.56
N ASN A 75 3.02 -11.42 19.79
CA ASN A 75 4.26 -12.12 19.52
C ASN A 75 4.79 -11.54 18.21
N ARG A 76 6.04 -11.08 18.23
CA ARG A 76 6.65 -10.46 17.05
C ARG A 76 6.59 -11.35 15.81
N GLU A 77 6.89 -12.64 15.98
CA GLU A 77 6.90 -13.55 14.84
C GLU A 77 5.54 -13.78 14.16
N ASP A 78 4.46 -13.28 14.77
CA ASP A 78 3.12 -13.44 14.19
C ASP A 78 2.72 -12.25 13.33
N VAL A 79 3.57 -11.24 13.28
CA VAL A 79 3.26 -10.04 12.50
C VAL A 79 4.34 -9.66 11.51
N VAL A 80 3.90 -9.29 10.31
CA VAL A 80 4.81 -8.87 9.26
C VAL A 80 4.81 -7.35 9.22
N ILE A 81 5.92 -6.76 9.63
CA ILE A 81 6.07 -5.32 9.62
C ILE A 81 6.76 -4.89 8.33
N ALA A 82 6.09 -4.02 7.57
CA ALA A 82 6.65 -3.51 6.35
C ALA A 82 6.74 -1.99 6.46
N THR A 83 7.95 -1.43 6.37
CA THR A 83 8.10 0.01 6.47
C THR A 83 8.96 0.53 5.35
N LYS A 84 9.09 1.85 5.28
CA LYS A 84 9.85 2.47 4.21
C LYS A 84 10.58 3.72 4.65
N ALA A 85 11.49 4.18 3.79
CA ALA A 85 12.29 5.38 4.02
C ALA A 85 12.81 5.92 2.69
N ALA A 86 13.07 7.22 2.66
CA ALA A 86 13.59 7.92 1.48
C ALA A 86 13.49 9.42 1.72
N HIS A 87 12.45 9.84 2.42
CA HIS A 87 12.27 11.25 2.72
C HIS A 87 13.38 11.75 3.64
N ARG A 88 14.17 12.69 3.14
CA ARG A 88 15.22 13.27 3.95
C ARG A 88 14.83 14.71 4.22
N LYS A 89 14.67 15.01 5.50
CA LYS A 89 14.29 16.33 5.98
C LYS A 89 15.27 17.41 5.49
N GLN A 90 14.71 18.52 5.01
CA GLN A 90 15.51 19.64 4.54
C GLN A 90 15.01 20.95 5.12
N GLY A 91 14.27 21.69 4.29
CA GLY A 91 13.72 22.96 4.73
C GLY A 91 12.21 22.79 4.75
N ASN A 92 11.68 22.40 5.90
CA ASN A 92 10.25 22.18 6.07
C ASN A 92 9.66 21.47 4.84
N ASP A 93 10.50 20.68 4.19
CA ASP A 93 10.11 19.90 3.04
C ASP A 93 11.16 18.80 2.94
N PHE A 94 10.95 17.85 2.04
CA PHE A 94 11.88 16.74 1.92
C PHE A 94 12.46 16.59 0.53
N VAL A 95 13.58 15.86 0.46
CA VAL A 95 14.25 15.53 -0.79
C VAL A 95 14.48 14.04 -0.64
N PHE A 96 14.38 13.28 -1.72
CA PHE A 96 14.57 11.84 -1.63
C PHE A 96 16.03 11.47 -1.63
N ASP A 97 16.39 10.55 -0.74
CA ASP A 97 17.77 10.09 -0.61
C ASP A 97 17.80 8.57 -0.59
N ASN A 98 18.58 7.97 -1.49
CA ASN A 98 18.71 6.53 -1.58
C ASN A 98 20.17 6.10 -1.34
N SER A 99 21.00 7.03 -0.90
CA SER A 99 22.42 6.71 -0.68
C SER A 99 22.58 5.65 0.39
N PRO A 100 23.56 4.76 0.23
CA PRO A 100 23.82 3.69 1.20
C PRO A 100 23.82 4.10 2.68
N ASP A 101 24.54 5.17 2.99
CA ASP A 101 24.62 5.64 4.37
C ASP A 101 23.27 6.05 4.93
N PHE A 102 22.47 6.73 4.11
CA PHE A 102 21.15 7.18 4.53
C PHE A 102 20.17 6.03 4.70
N LEU A 103 20.23 5.04 3.82
CA LEU A 103 19.32 3.91 3.91
C LEU A 103 19.60 3.03 5.14
N LYS A 104 20.87 2.76 5.40
CA LYS A 104 21.24 1.95 6.56
C LYS A 104 20.84 2.69 7.84
N LYS A 105 21.11 3.99 7.89
CA LYS A 105 20.76 4.79 9.06
C LYS A 105 19.25 4.70 9.24
N SER A 106 18.54 4.82 8.12
CA SER A 106 17.09 4.75 8.14
C SER A 106 16.60 3.46 8.79
N VAL A 107 17.23 2.34 8.43
CA VAL A 107 16.83 1.06 8.99
C VAL A 107 17.04 1.03 10.50
N ASP A 108 18.24 1.40 10.94
CA ASP A 108 18.54 1.40 12.37
C ASP A 108 17.60 2.28 13.17
N GLU A 109 17.23 3.43 12.60
CA GLU A 109 16.31 4.35 13.28
C GLU A 109 14.90 3.79 13.27
N SER A 110 14.56 3.05 12.23
CA SER A 110 13.24 2.45 12.14
C SER A 110 13.08 1.38 13.22
N LEU A 111 14.12 0.58 13.40
CA LEU A 111 14.15 -0.49 14.39
C LEU A 111 13.97 0.06 15.80
N LYS A 112 14.62 1.19 16.07
CA LYS A 112 14.51 1.82 17.38
C LYS A 112 13.09 2.34 17.61
N ARG A 113 12.53 3.01 16.61
CA ARG A 113 11.18 3.53 16.75
C ARG A 113 10.17 2.39 16.90
N LEU A 114 10.37 1.30 16.16
CA LEU A 114 9.47 0.15 16.26
C LEU A 114 9.80 -0.68 17.50
N ASN A 115 10.94 -0.40 18.11
CA ASN A 115 11.37 -1.14 19.30
C ASN A 115 11.41 -2.65 19.04
N THR A 116 11.93 -3.03 17.87
CA THR A 116 12.03 -4.44 17.52
C THR A 116 13.42 -4.77 16.95
N ASP A 117 13.79 -6.05 16.98
CA ASP A 117 15.08 -6.54 16.49
C ASP A 117 15.18 -6.60 14.96
N TYR A 118 14.05 -6.67 14.28
CA TYR A 118 14.07 -6.74 12.82
C TYR A 118 12.81 -6.21 12.18
N ILE A 119 12.90 -5.99 10.88
CA ILE A 119 11.79 -5.52 10.08
C ILE A 119 11.62 -6.56 8.99
N ASP A 120 10.37 -6.99 8.75
CA ASP A 120 10.11 -7.99 7.74
C ASP A 120 10.37 -7.53 6.30
N LEU A 121 9.78 -6.39 5.94
CA LEU A 121 9.94 -5.86 4.60
C LEU A 121 10.32 -4.38 4.66
N PHE A 122 11.45 -4.02 4.05
CA PHE A 122 11.89 -2.64 4.03
C PHE A 122 11.94 -2.09 2.62
N TYR A 123 11.26 -0.97 2.41
CA TYR A 123 11.18 -0.33 1.10
C TYR A 123 12.01 0.93 0.94
N ILE A 124 12.25 1.25 -0.32
CA ILE A 124 12.89 2.49 -0.71
C ILE A 124 11.59 3.16 -1.16
N HIS A 125 11.02 3.97 -0.29
CA HIS A 125 9.75 4.65 -0.54
C HIS A 125 9.69 5.41 -1.87
N PHE A 126 10.73 6.16 -2.20
CA PHE A 126 10.78 6.92 -3.46
C PHE A 126 12.21 6.90 -3.98
N PRO A 127 12.37 6.95 -5.29
CA PRO A 127 13.71 6.93 -5.86
C PRO A 127 14.35 8.32 -5.82
N ASP A 128 15.64 8.41 -5.51
CA ASP A 128 16.31 9.70 -5.53
C ASP A 128 16.88 9.78 -6.96
N GLU A 129 17.27 10.97 -7.39
CA GLU A 129 17.75 11.15 -8.76
C GLU A 129 19.24 10.91 -9.01
N HIS A 130 19.98 10.56 -7.98
CA HIS A 130 21.43 10.39 -8.14
C HIS A 130 22.08 9.07 -7.74
N THR A 131 21.39 8.25 -6.96
CA THR A 131 21.99 6.99 -6.52
C THR A 131 21.71 5.76 -7.38
N PRO A 132 22.75 5.09 -7.89
CA PRO A 132 22.51 3.90 -8.72
C PRO A 132 21.64 3.01 -7.85
N LYS A 133 20.47 2.68 -8.35
CA LYS A 133 19.51 1.89 -7.60
C LYS A 133 19.94 0.50 -7.15
N ASP A 134 20.88 -0.11 -7.86
CA ASP A 134 21.35 -1.43 -7.44
C ASP A 134 22.27 -1.27 -6.22
N GLU A 135 22.89 -0.09 -6.10
CA GLU A 135 23.77 0.19 -4.98
C GLU A 135 22.94 0.52 -3.75
N ALA A 136 21.82 1.19 -3.95
CA ALA A 136 20.92 1.53 -2.85
C ALA A 136 20.39 0.21 -2.27
N VAL A 137 19.97 -0.69 -3.16
CA VAL A 137 19.46 -1.99 -2.74
C VAL A 137 20.54 -2.82 -2.06
N ASN A 138 21.77 -2.74 -2.55
CA ASN A 138 22.86 -3.47 -1.94
C ASN A 138 23.07 -2.99 -0.51
N ALA A 139 22.84 -1.69 -0.29
CA ALA A 139 22.98 -1.11 1.05
C ALA A 139 21.93 -1.75 1.97
N LEU A 140 20.70 -1.85 1.47
CA LEU A 140 19.64 -2.48 2.26
C LEU A 140 19.99 -3.96 2.39
N ASN A 141 20.61 -4.51 1.35
CA ASN A 141 20.98 -5.92 1.39
C ASN A 141 21.94 -6.20 2.53
N GLU A 142 22.74 -5.20 2.92
CA GLU A 142 23.68 -5.37 4.03
C GLU A 142 22.90 -5.59 5.33
N LYS A 144 19.99 -6.71 5.45
CA LYS A 144 19.30 -7.98 5.30
C LYS A 144 20.23 -9.11 5.78
N LYS A 145 21.47 -9.09 5.32
CA LYS A 145 22.45 -10.12 5.69
C LYS A 145 22.71 -10.10 7.19
N ALA A 146 22.66 -8.90 7.78
CA ALA A 146 22.88 -8.75 9.21
C ALA A 146 21.63 -9.20 9.98
N GLY A 147 20.59 -9.55 9.25
CA GLY A 147 19.35 -10.00 9.87
C GLY A 147 18.47 -8.86 10.40
N LYS A 148 18.74 -7.63 9.99
CA LYS A 148 17.94 -6.49 10.44
C LYS A 148 16.62 -6.31 9.67
N ILE A 149 16.58 -6.81 8.43
CA ILE A 149 15.38 -6.77 7.60
C ILE A 149 15.38 -8.13 6.90
N ARG A 150 14.20 -8.66 6.60
CA ARG A 150 14.10 -9.98 5.98
C ARG A 150 13.75 -9.98 4.51
N SER A 151 13.52 -8.80 3.95
CA SER A 151 13.15 -8.68 2.54
C SER A 151 13.26 -7.22 2.14
N ILE A 152 13.47 -6.96 0.86
CA ILE A 152 13.53 -5.57 0.43
C ILE A 152 12.57 -5.28 -0.72
N GLY A 153 12.08 -4.05 -0.75
CA GLY A 153 11.17 -3.65 -1.81
C GLY A 153 11.45 -2.23 -2.24
N VAL A 154 10.94 -1.88 -3.42
CA VAL A 154 11.09 -0.53 -3.92
C VAL A 154 9.67 -0.01 -4.12
N SER A 155 9.53 1.30 -4.18
CA SER A 155 8.23 1.90 -4.36
C SER A 155 8.31 3.14 -5.23
N ASN A 156 7.37 3.25 -6.17
CA ASN A 156 7.33 4.41 -7.07
C ASN A 156 8.56 4.50 -7.96
N PHE A 157 9.08 3.34 -8.36
CA PHE A 157 10.24 3.31 -9.24
C PHE A 157 9.67 3.21 -10.66
N SER A 158 10.47 3.60 -11.64
CA SER A 158 10.06 3.48 -13.03
C SER A 158 10.53 2.08 -13.41
N LEU A 159 10.06 1.56 -14.54
CA LEU A 159 10.48 0.23 -14.94
C LEU A 159 12.01 0.16 -15.00
N GLU A 160 12.63 1.20 -15.57
CA GLU A 160 14.08 1.28 -15.70
C GLU A 160 14.77 1.23 -14.34
N GLN A 161 14.30 2.04 -13.40
CA GLN A 161 14.90 2.07 -12.06
C GLN A 161 14.70 0.75 -11.33
N LEU A 162 13.58 0.07 -11.61
CA LEU A 162 13.29 -1.21 -11.00
C LEU A 162 14.29 -2.23 -11.52
N LYS A 163 14.47 -2.28 -12.83
CA LYS A 163 15.40 -3.19 -13.45
C LYS A 163 16.78 -3.04 -12.83
N GLU A 164 17.22 -1.79 -12.70
CA GLU A 164 18.52 -1.52 -12.11
C GLU A 164 18.57 -2.00 -10.66
N ALA A 165 17.53 -1.71 -9.88
CA ALA A 165 17.46 -2.12 -8.49
C ALA A 165 17.44 -3.64 -8.36
N ASN A 166 16.82 -4.32 -9.32
CA ASN A 166 16.73 -5.77 -9.29
C ASN A 166 17.82 -6.38 -10.17
N LYS A 167 18.89 -5.62 -10.40
CA LYS A 167 20.02 -6.07 -11.21
C LYS A 167 20.50 -7.43 -10.73
N ASP A 168 20.54 -7.60 -9.41
CA ASP A 168 21.00 -8.84 -8.79
C ASP A 168 19.85 -9.65 -8.21
N GLY A 169 18.62 -9.32 -8.63
CA GLY A 169 17.44 -10.03 -8.15
C GLY A 169 17.15 -9.91 -6.67
N LEU A 170 17.48 -8.77 -6.07
CA LEU A 170 17.26 -8.59 -4.63
C LEU A 170 15.95 -7.89 -4.28
N VAL A 171 15.18 -7.51 -5.30
CA VAL A 171 13.90 -6.85 -5.07
C VAL A 171 12.78 -7.89 -5.05
N ASP A 172 12.13 -8.06 -3.89
CA ASP A 172 11.04 -9.02 -3.77
C ASP A 172 9.65 -8.41 -3.94
N VAL A 173 9.53 -7.13 -3.61
CA VAL A 173 8.24 -6.46 -3.69
C VAL A 173 8.29 -5.08 -4.33
N LEU A 174 7.24 -4.76 -5.07
CA LEU A 174 7.10 -3.47 -5.71
C LEU A 174 5.75 -2.91 -5.23
N GLN A 175 5.75 -1.68 -4.77
CA GLN A 175 4.50 -1.08 -4.34
C GLN A 175 4.26 0.09 -5.27
N GLY A 176 3.17 0.03 -6.03
CA GLY A 176 2.87 1.10 -6.97
C GLY A 176 1.42 1.52 -7.07
N GLU A 177 1.20 2.71 -7.62
CA GLU A 177 -0.15 3.24 -7.78
C GLU A 177 -0.90 2.43 -8.81
N TYR A 178 -2.06 1.90 -8.42
CA TYR A 178 -2.83 1.07 -9.33
C TYR A 178 -4.31 0.99 -8.94
N ASN A 179 -5.19 1.21 -9.90
CA ASN A 179 -6.62 1.15 -9.66
C ASN A 179 -7.35 1.02 -10.99
N LEU A 180 -8.68 0.91 -10.94
CA LEU A 180 -9.47 0.76 -12.15
C LEU A 180 -9.39 1.93 -13.14
N LEU A 181 -9.00 3.11 -12.65
CA LEU A 181 -8.88 4.28 -13.52
C LEU A 181 -7.45 4.49 -14.00
N ASN A 182 -6.52 3.78 -13.39
CA ASN A 182 -5.12 3.89 -13.78
C ASN A 182 -4.52 2.49 -13.78
N ARG A 183 -4.71 1.78 -14.89
CA ARG A 183 -4.25 0.42 -15.02
C ARG A 183 -2.92 0.24 -15.76
N GLU A 184 -2.15 1.32 -15.91
CA GLU A 184 -0.87 1.26 -16.61
C GLU A 184 0.08 0.17 -16.13
N ALA A 185 0.13 -0.05 -14.82
CA ALA A 185 1.01 -1.06 -14.25
C ALA A 185 0.91 -2.41 -14.97
N GLU A 186 -0.29 -2.75 -15.41
CA GLU A 186 -0.54 -4.01 -16.10
C GLU A 186 0.34 -4.16 -17.33
N LYS A 187 0.58 -3.05 -18.03
CA LYS A 187 1.40 -3.11 -19.24
C LYS A 187 2.87 -2.82 -18.93
N THR A 188 3.10 -1.83 -18.08
CA THR A 188 4.45 -1.41 -17.73
C THR A 188 5.17 -2.24 -16.66
N PHE A 189 4.46 -2.67 -15.62
CA PHE A 189 5.10 -3.42 -14.54
C PHE A 189 4.75 -4.91 -14.42
N PHE A 190 3.47 -5.25 -14.49
CA PHE A 190 3.06 -6.65 -14.34
C PHE A 190 3.89 -7.68 -15.11
N PRO A 191 4.11 -7.47 -16.41
CA PRO A 191 4.90 -8.43 -17.17
C PRO A 191 6.22 -8.76 -16.44
N TYR A 192 6.98 -7.72 -16.10
CA TYR A 192 8.27 -7.87 -15.42
C TYR A 192 8.17 -8.49 -14.02
N THR A 193 7.30 -7.94 -13.17
CA THR A 193 7.14 -8.46 -11.81
C THR A 193 6.76 -9.93 -11.80
N LYS A 194 5.77 -10.27 -12.62
CA LYS A 194 5.29 -11.63 -12.73
C LYS A 194 6.44 -12.53 -13.18
N GLU A 195 7.23 -12.02 -14.12
CA GLU A 195 8.37 -12.74 -14.65
C GLU A 195 9.41 -13.04 -13.59
N HIS A 196 9.82 -11.98 -12.88
CA HIS A 196 10.84 -12.08 -11.85
C HIS A 196 10.28 -12.41 -10.46
N ASN A 197 9.06 -12.92 -10.42
CA ASN A 197 8.43 -13.29 -9.17
C ASN A 197 8.48 -12.19 -8.10
N ILE A 198 8.25 -10.95 -8.53
CA ILE A 198 8.23 -9.82 -7.60
C ILE A 198 6.76 -9.60 -7.27
N SER A 199 6.42 -9.55 -5.99
CA SER A 199 5.02 -9.33 -5.61
C SER A 199 4.66 -7.88 -5.87
N PHE A 200 3.44 -7.62 -6.33
CA PHE A 200 3.02 -6.25 -6.59
C PHE A 200 1.95 -5.79 -5.60
N ILE A 201 2.23 -4.73 -4.85
CA ILE A 201 1.27 -4.22 -3.90
C ILE A 201 0.83 -2.84 -4.36
N PRO A 202 -0.45 -2.71 -4.73
CA PRO A 202 -0.96 -1.43 -5.21
C PRO A 202 -1.39 -0.54 -4.04
N TYR A 203 -1.51 0.74 -4.33
CA TYR A 203 -1.98 1.69 -3.34
C TYR A 203 -2.82 2.68 -4.14
N PHE A 204 -3.73 3.35 -3.46
CA PHE A 204 -4.66 4.28 -4.10
C PHE A 204 -5.61 3.45 -4.97
N PRO A 205 -6.15 2.35 -4.41
CA PRO A 205 -7.06 1.49 -5.16
C PRO A 205 -8.50 2.01 -5.22
N LEU A 206 -8.84 2.93 -4.33
CA LEU A 206 -10.18 3.46 -4.28
C LEU A 206 -10.25 4.91 -4.76
N VAL A 207 -9.11 5.46 -5.14
CA VAL A 207 -9.03 6.81 -5.66
C VAL A 207 -9.79 7.85 -4.81
N SER A 208 -9.46 7.92 -3.54
CA SER A 208 -10.07 8.88 -2.62
C SER A 208 -11.57 8.67 -2.42
N GLY A 209 -12.02 7.42 -2.53
CA GLY A 209 -13.42 7.11 -2.34
C GLY A 209 -14.20 7.11 -3.65
N LEU A 210 -13.61 7.67 -4.70
CA LEU A 210 -14.26 7.72 -6.01
C LEU A 210 -14.73 6.33 -6.47
N LEU A 211 -13.90 5.30 -6.25
CA LEU A 211 -14.26 3.95 -6.66
C LEU A 211 -14.93 3.16 -5.52
N ALA A 212 -15.31 3.85 -4.46
CA ALA A 212 -15.95 3.17 -3.33
C ALA A 212 -17.41 3.58 -3.08
N GLY A 213 -17.99 4.34 -4.00
CA GLY A 213 -19.37 4.77 -3.82
C GLY A 213 -19.58 5.83 -2.75
N LYS A 214 -18.51 6.54 -2.41
CA LYS A 214 -18.54 7.56 -1.38
C LYS A 214 -19.30 8.81 -1.84
N TYR A 215 -19.40 9.02 -3.15
CA TYR A 215 -20.06 10.20 -3.67
C TYR A 215 -21.18 9.89 -4.64
N THR A 216 -21.80 10.94 -5.16
CA THR A 216 -22.86 10.83 -6.15
C THR A 216 -22.51 11.86 -7.20
N GLU A 217 -23.26 11.91 -8.29
CA GLU A 217 -22.99 12.86 -9.35
C GLU A 217 -23.20 14.30 -8.89
N ASP A 218 -23.97 14.48 -7.83
CA ASP A 218 -24.26 15.82 -7.31
C ASP A 218 -23.26 16.32 -6.27
N THR A 219 -22.33 15.45 -5.88
CA THR A 219 -21.33 15.80 -4.88
C THR A 219 -20.47 16.97 -5.34
N THR A 220 -20.09 17.82 -4.40
CA THR A 220 -19.26 18.97 -4.69
C THR A 220 -18.30 19.15 -3.54
N PHE A 221 -17.14 19.73 -3.83
CA PHE A 221 -16.12 19.94 -2.81
C PHE A 221 -15.82 21.42 -2.66
N PRO A 222 -15.32 21.84 -1.49
CA PRO A 222 -15.00 23.24 -1.21
C PRO A 222 -13.81 23.73 -2.04
N GLU A 223 -13.77 25.03 -2.28
CA GLU A 223 -12.67 25.63 -3.03
C GLU A 223 -11.38 25.34 -2.28
N GLY A 224 -10.33 25.00 -3.02
CA GLY A 224 -9.07 24.71 -2.37
C GLY A 224 -8.90 23.23 -2.08
N ASP A 225 -10.00 22.50 -2.09
CA ASP A 225 -9.94 21.05 -1.85
C ASP A 225 -9.18 20.44 -3.02
N LEU A 226 -8.04 19.82 -2.71
CA LEU A 226 -7.22 19.21 -3.74
C LEU A 226 -7.93 18.14 -4.55
N ARG A 227 -9.08 17.67 -4.07
CA ARG A 227 -9.81 16.63 -4.79
C ARG A 227 -10.44 17.12 -6.11
N ASN A 228 -11.19 18.22 -6.06
CA ASN A 228 -11.81 18.72 -7.28
C ASN A 228 -10.74 19.35 -8.16
N GLU A 229 -9.56 18.72 -8.11
CA GLU A 229 -8.39 19.14 -8.88
C GLU A 229 -7.54 17.89 -9.19
N GLN A 230 -8.07 16.70 -8.88
CA GLN A 230 -7.34 15.45 -9.10
C GLN A 230 -7.28 14.99 -10.55
N GLU A 231 -8.28 15.36 -11.33
CA GLU A 231 -8.40 15.01 -12.75
C GLU A 231 -9.55 14.05 -12.93
N HIS A 232 -9.46 12.89 -12.27
CA HIS A 232 -10.54 11.92 -12.34
C HIS A 232 -11.76 12.54 -11.65
N PHE A 233 -11.58 13.74 -11.10
CA PHE A 233 -12.65 14.47 -10.44
C PHE A 233 -13.08 15.69 -11.24
N LYS A 234 -12.28 16.07 -12.24
CA LYS A 234 -12.62 17.24 -13.05
C LYS A 234 -13.66 17.04 -14.12
N GLY A 235 -14.27 18.15 -14.53
CA GLY A 235 -15.30 18.14 -15.56
C GLY A 235 -16.17 16.91 -15.58
N GLU A 236 -16.52 16.46 -16.78
CA GLU A 236 -17.35 15.28 -16.96
C GLU A 236 -16.70 14.00 -16.46
N ARG A 237 -15.40 14.04 -16.17
CA ARG A 237 -14.69 12.86 -15.68
C ARG A 237 -15.27 12.37 -14.37
N PHE A 238 -15.57 13.29 -13.47
CA PHE A 238 -16.12 12.93 -12.18
C PHE A 238 -17.46 12.21 -12.32
N LYS A 239 -18.43 12.87 -12.94
CA LYS A 239 -19.75 12.27 -13.15
C LYS A 239 -19.65 10.94 -13.90
N GLU A 240 -18.81 10.93 -14.92
CA GLU A 240 -18.62 9.75 -15.74
C GLU A 240 -18.16 8.55 -14.92
N ASN A 241 -17.19 8.77 -14.04
CA ASN A 241 -16.67 7.69 -13.21
C ASN A 241 -17.65 7.26 -12.13
N ILE A 242 -18.44 8.21 -11.63
CA ILE A 242 -19.45 7.90 -10.61
C ILE A 242 -20.50 7.01 -11.26
N ARG A 243 -20.96 7.43 -12.43
CA ARG A 243 -21.97 6.67 -13.14
C ARG A 243 -21.42 5.33 -13.61
N LYS A 244 -20.10 5.25 -13.77
CA LYS A 244 -19.47 4.03 -14.24
C LYS A 244 -19.19 3.05 -13.10
N VAL A 245 -18.91 3.58 -11.91
CA VAL A 245 -18.65 2.76 -10.75
C VAL A 245 -19.95 2.10 -10.32
N ASN A 246 -21.04 2.85 -10.40
CA ASN A 246 -22.35 2.33 -10.01
C ASN A 246 -22.79 1.10 -10.79
N LYS A 247 -22.21 0.89 -11.97
CA LYS A 247 -22.56 -0.27 -12.77
C LYS A 247 -22.06 -1.56 -12.12
N LEU A 248 -21.36 -1.42 -10.99
CA LEU A 248 -20.83 -2.56 -10.23
C LEU A 248 -21.79 -2.93 -9.11
N ALA A 249 -22.81 -2.09 -8.90
CA ALA A 249 -23.80 -2.32 -7.85
C ALA A 249 -24.40 -3.73 -7.88
N PRO A 250 -24.82 -4.20 -9.06
CA PRO A 250 -25.41 -5.55 -9.14
C PRO A 250 -24.46 -6.64 -8.63
N ILE A 251 -23.21 -6.59 -9.06
CA ILE A 251 -22.22 -7.58 -8.66
C ILE A 251 -22.05 -7.56 -7.15
N ALA A 252 -22.07 -6.35 -6.59
CA ALA A 252 -21.92 -6.18 -5.15
C ALA A 252 -23.10 -6.86 -4.48
N GLU A 253 -24.30 -6.55 -4.95
CA GLU A 253 -25.52 -7.14 -4.41
C GLU A 253 -25.38 -8.66 -4.48
N LYS A 254 -25.02 -9.16 -5.65
CA LYS A 254 -24.87 -10.59 -5.86
C LYS A 254 -24.04 -11.26 -4.77
N HIS A 255 -22.91 -10.65 -4.42
CA HIS A 255 -22.02 -11.20 -3.41
C HIS A 255 -22.27 -10.68 -1.99
N ASN A 256 -23.35 -9.93 -1.81
CA ASN A 256 -23.71 -9.37 -0.51
C ASN A 256 -22.64 -8.52 0.15
N VAL A 257 -21.97 -7.69 -0.65
CA VAL A 257 -20.93 -6.79 -0.14
C VAL A 257 -21.16 -5.43 -0.78
N ASP A 258 -20.18 -4.52 -0.65
CA ASP A 258 -20.32 -3.20 -1.23
C ASP A 258 -19.41 -3.05 -2.43
N ILE A 259 -19.63 -1.99 -3.21
CA ILE A 259 -18.81 -1.76 -4.39
C ILE A 259 -17.31 -1.77 -4.07
N PRO A 260 -16.89 -1.11 -2.98
CA PRO A 260 -15.45 -1.13 -2.67
C PRO A 260 -14.91 -2.55 -2.50
N HIS A 261 -15.70 -3.44 -1.90
CA HIS A 261 -15.24 -4.81 -1.72
C HIS A 261 -15.02 -5.50 -3.07
N ILE A 262 -15.93 -5.26 -4.01
CA ILE A 262 -15.82 -5.86 -5.34
C ILE A 262 -14.61 -5.29 -6.07
N VAL A 263 -14.46 -3.98 -6.00
CA VAL A 263 -13.34 -3.31 -6.66
C VAL A 263 -12.04 -3.90 -6.15
N LEU A 264 -11.87 -3.94 -4.83
CA LEU A 264 -10.65 -4.49 -4.25
C LEU A 264 -10.48 -5.98 -4.56
N ALA A 265 -11.57 -6.75 -4.48
CA ALA A 265 -11.47 -8.17 -4.79
C ALA A 265 -10.94 -8.34 -6.21
N TRP A 266 -11.36 -7.46 -7.10
CA TRP A 266 -10.90 -7.52 -8.48
C TRP A 266 -9.36 -7.42 -8.51
N TYR A 267 -8.82 -6.39 -7.86
CA TYR A 267 -7.36 -6.20 -7.80
C TYR A 267 -6.71 -7.47 -7.27
N LEU A 268 -7.23 -7.99 -6.17
CA LEU A 268 -6.67 -9.20 -5.58
C LEU A 268 -6.69 -10.37 -6.54
N ALA A 269 -7.67 -10.41 -7.43
CA ALA A 269 -7.78 -11.50 -8.40
C ALA A 269 -6.67 -11.50 -9.44
N ARG A 270 -5.95 -10.38 -9.56
CA ARG A 270 -4.86 -10.29 -10.51
C ARG A 270 -3.77 -11.24 -10.07
N PRO A 271 -3.31 -12.11 -10.97
CA PRO A 271 -2.25 -13.06 -10.62
C PRO A 271 -1.04 -12.37 -10.01
N GLU A 272 -0.77 -11.15 -10.45
CA GLU A 272 0.39 -10.38 -9.99
C GLU A 272 0.29 -9.71 -8.63
N ILE A 273 -0.90 -9.71 -8.03
CA ILE A 273 -1.08 -9.09 -6.71
C ILE A 273 -1.43 -10.11 -5.64
N ASP A 274 -0.72 -10.10 -4.53
CA ASP A 274 -0.99 -11.08 -3.48
C ASP A 274 -1.70 -10.49 -2.26
N ILE A 275 -1.51 -9.20 -2.04
CA ILE A 275 -2.12 -8.54 -0.90
C ILE A 275 -2.45 -7.07 -1.15
N LEU A 276 -3.47 -6.57 -0.46
CA LEU A 276 -3.89 -5.18 -0.55
C LEU A 276 -3.58 -4.51 0.77
N ILE A 277 -3.44 -3.19 0.76
CA ILE A 277 -3.16 -2.47 1.99
C ILE A 277 -4.13 -1.30 2.19
N PRO A 278 -5.43 -1.61 2.25
CA PRO A 278 -6.43 -0.57 2.45
C PRO A 278 -6.21 0.15 3.77
N GLY A 279 -6.44 1.46 3.75
CA GLY A 279 -6.24 2.27 4.95
C GLY A 279 -7.41 2.19 5.91
N ALA A 280 -7.31 2.94 7.00
CA ALA A 280 -8.37 2.96 8.01
C ALA A 280 -7.99 3.88 9.16
N LYS A 281 -9.02 4.44 9.81
CA LYS A 281 -8.79 5.34 10.94
C LYS A 281 -9.23 4.65 12.21
N ARG A 282 -10.27 3.81 12.10
CA ARG A 282 -10.80 3.08 13.24
C ARG A 282 -10.85 1.57 13.08
N ALA A 283 -10.92 0.87 14.21
CA ALA A 283 -10.98 -0.59 14.25
C ALA A 283 -12.10 -1.16 13.38
N ASP A 284 -13.32 -0.67 13.59
CA ASP A 284 -14.50 -1.12 12.85
C ASP A 284 -14.32 -1.09 11.35
N GLN A 285 -13.59 -0.08 10.86
CA GLN A 285 -13.33 0.05 9.44
C GLN A 285 -12.45 -1.09 8.98
N LEU A 286 -11.53 -1.51 9.83
CA LEU A 286 -10.63 -2.62 9.52
C LEU A 286 -11.45 -3.89 9.35
N ILE A 287 -12.38 -4.12 10.26
CA ILE A 287 -13.21 -5.30 10.22
C ILE A 287 -14.02 -5.33 8.92
N ASP A 288 -14.27 -4.17 8.35
CA ASP A 288 -15.03 -4.10 7.10
C ASP A 288 -14.11 -4.33 5.89
N ASN A 289 -12.83 -3.98 6.01
CA ASN A 289 -11.87 -4.19 4.93
C ASN A 289 -11.61 -5.67 4.72
N ILE A 290 -11.50 -6.39 5.82
CA ILE A 290 -11.23 -7.81 5.79
C ILE A 290 -12.25 -8.62 5.01
N LYS A 291 -13.49 -8.13 4.96
CA LYS A 291 -14.55 -8.84 4.24
C LYS A 291 -14.19 -9.06 2.77
N THR A 292 -13.30 -8.22 2.25
CA THR A 292 -12.85 -8.30 0.87
C THR A 292 -12.28 -9.70 0.59
N ALA A 293 -11.62 -10.26 1.61
CA ALA A 293 -11.01 -11.57 1.49
C ALA A 293 -12.04 -12.70 1.32
N ASP A 294 -13.29 -12.44 1.67
CA ASP A 294 -14.32 -13.47 1.56
C ASP A 294 -14.96 -13.48 0.18
N VAL A 295 -14.62 -12.48 -0.63
CA VAL A 295 -15.18 -12.37 -1.95
C VAL A 295 -14.50 -13.27 -2.98
N THR A 296 -15.30 -13.86 -3.86
CA THR A 296 -14.79 -14.70 -4.93
C THR A 296 -15.60 -14.34 -6.15
N LEU A 297 -15.03 -13.49 -6.99
CA LEU A 297 -15.68 -13.06 -8.21
C LEU A 297 -15.61 -14.19 -9.24
N SER A 298 -16.61 -14.26 -10.11
CA SER A 298 -16.62 -15.29 -11.15
C SER A 298 -15.75 -14.78 -12.29
N GLN A 299 -15.33 -15.66 -13.18
CA GLN A 299 -14.52 -15.23 -14.29
C GLN A 299 -15.36 -14.25 -15.09
N GLU A 300 -16.66 -14.48 -15.07
CA GLU A 300 -17.62 -13.64 -15.77
C GLU A 300 -17.61 -12.21 -15.18
N ASP A 301 -17.61 -12.12 -13.84
CA ASP A 301 -17.59 -10.81 -13.19
C ASP A 301 -16.30 -10.05 -13.50
N ILE A 302 -15.18 -10.75 -13.37
CA ILE A 302 -13.85 -10.20 -13.60
C ILE A 302 -13.69 -9.63 -15.01
N SER A 303 -14.22 -10.36 -15.99
CA SER A 303 -14.13 -9.93 -17.38
C SER A 303 -14.96 -8.66 -17.61
N PHE A 304 -16.17 -8.63 -17.07
CA PHE A 304 -17.05 -7.49 -17.22
C PHE A 304 -16.38 -6.24 -16.70
N ILE A 305 -15.86 -6.33 -15.48
CA ILE A 305 -15.19 -5.21 -14.84
C ILE A 305 -14.00 -4.76 -15.67
N ASP A 306 -13.24 -5.73 -16.18
CA ASP A 306 -12.08 -5.47 -17.02
C ASP A 306 -12.47 -4.68 -18.25
N LYS A 307 -13.53 -5.11 -18.92
CA LYS A 307 -14.01 -4.41 -20.09
C LYS A 307 -14.64 -3.07 -19.70
N LEU A 308 -15.44 -3.06 -18.64
CA LEU A 308 -16.09 -1.84 -18.18
C LEU A 308 -15.06 -0.74 -17.89
N PHE A 309 -13.92 -1.12 -17.33
CA PHE A 309 -12.88 -0.16 -17.02
C PHE A 309 -11.68 -0.31 -17.94
N ALA A 310 -11.95 -0.41 -19.24
CA ALA A 310 -10.91 -0.56 -20.23
C ALA A 310 -10.24 0.79 -20.45
N PRO A 311 -8.91 0.78 -20.64
CA PRO A 311 -8.18 2.04 -20.86
C PRO A 311 -8.47 2.59 -22.26
N GLY A 312 -8.20 1.76 -23.27
CA GLY A 312 -8.42 2.17 -24.65
C GLY A 312 -7.36 1.60 -25.59
#